data_7ZKY
#
_entry.id   7ZKY
#
_cell.length_a   1.00
_cell.length_b   1.00
_cell.length_c   1.00
_cell.angle_alpha   90.00
_cell.angle_beta   90.00
_cell.angle_gamma   90.00
#
_symmetry.space_group_name_H-M   'P 1'
#
_entity_poly.entity_id   1
_entity_poly.type   'polypeptide(L)'
_entity_poly.pdbx_seq_one_letter_code
;SFFSFLGEAFDGARDMWRAYSDMREANYIGSDKYFHARGNYDAAKRGPGGVWAAEAISDARENIQRFF
;
_entity_poly.pdbx_strand_id   B,A,D,C,F,E,H,G,J,I,L,K
#
# COMPACT_ATOMS: atom_id res chain seq x y z
N SER A 1 2.23 -9.58 13.29
CA SER A 1 2.59 -11.01 13.12
C SER A 1 1.34 -11.85 12.84
N PHE A 2 0.40 -11.34 12.03
CA PHE A 2 -0.89 -12.04 11.74
C PHE A 2 -0.60 -13.29 10.93
N PHE A 3 -1.34 -14.38 11.15
CA PHE A 3 -1.23 -15.63 10.34
C PHE A 3 0.24 -16.06 10.23
N SER A 4 0.99 -16.04 11.33
CA SER A 4 2.43 -16.43 11.34
C SER A 4 2.56 -17.94 11.12
N PHE A 5 3.66 -18.41 10.51
CA PHE A 5 3.94 -19.86 10.32
C PHE A 5 5.42 -20.11 10.60
N LEU A 6 5.79 -21.27 11.17
CA LEU A 6 7.21 -21.64 11.39
C LEU A 6 7.41 -23.12 11.05
N GLY A 7 8.60 -23.54 10.65
CA GLY A 7 8.85 -24.97 10.42
C GLY A 7 10.30 -25.32 10.16
N GLU A 8 10.63 -26.60 10.16
CA GLU A 8 11.99 -27.10 9.83
C GLU A 8 11.76 -28.33 8.95
N ALA A 9 12.70 -28.72 8.09
CA ALA A 9 12.61 -29.98 7.33
C ALA A 9 11.28 -30.13 6.58
N PHE A 10 10.93 -29.21 5.67
CA PHE A 10 9.75 -29.38 4.78
C PHE A 10 10.19 -30.33 3.66
N ASP A 11 10.57 -31.58 3.99
CA ASP A 11 11.14 -32.53 3.01
C ASP A 11 9.89 -33.13 2.36
N GLY A 12 9.65 -32.84 1.08
CA GLY A 12 8.49 -33.38 0.34
C GLY A 12 7.11 -32.79 0.60
N ALA A 13 7.00 -31.69 1.35
CA ALA A 13 5.69 -31.02 1.56
C ALA A 13 4.98 -30.65 0.24
N ARG A 14 3.64 -30.48 0.27
CA ARG A 14 2.82 -30.05 -0.88
C ARG A 14 1.65 -29.23 -0.33
N ASP A 15 1.26 -28.11 -0.95
CA ASP A 15 0.05 -27.34 -0.54
C ASP A 15 0.15 -27.00 0.94
N MET A 16 1.29 -26.54 1.42
CA MET A 16 1.50 -26.29 2.87
C MET A 16 0.58 -25.18 3.38
N TRP A 17 0.31 -24.11 2.64
CA TRP A 17 -0.49 -22.95 3.13
C TRP A 17 -1.28 -22.27 2.02
N ARG A 18 -2.50 -21.79 2.27
CA ARG A 18 -3.33 -21.04 1.30
C ARG A 18 -3.90 -19.85 2.07
N ALA A 19 -3.16 -18.74 2.16
CA ALA A 19 -3.58 -17.54 2.92
C ALA A 19 -4.38 -16.58 2.05
N TYR A 20 -5.66 -16.87 1.79
CA TYR A 20 -6.54 -15.95 1.04
C TYR A 20 -7.02 -14.93 2.07
N SER A 21 -7.05 -13.62 1.76
CA SER A 21 -7.45 -12.58 2.75
C SER A 21 -7.98 -11.31 2.07
N ASP A 22 -8.74 -10.48 2.79
CA ASP A 22 -9.26 -9.18 2.28
C ASP A 22 -8.91 -8.11 3.32
N MET A 23 -7.76 -7.44 3.22
CA MET A 23 -7.26 -6.51 4.26
C MET A 23 -7.68 -5.08 3.91
N ARG A 24 -8.79 -4.91 3.22
CA ARG A 24 -9.26 -3.56 2.79
C ARG A 24 -9.50 -2.70 4.02
N GLU A 25 -9.29 -1.38 3.95
CA GLU A 25 -9.59 -0.45 5.07
C GLU A 25 -9.00 -1.01 6.38
N ALA A 26 -7.83 -1.64 6.38
CA ALA A 26 -7.25 -2.28 7.59
C ALA A 26 -5.97 -1.58 8.03
N ASN A 27 -5.41 -1.97 9.18
CA ASN A 27 -4.14 -1.42 9.69
C ASN A 27 -4.14 0.10 9.69
N TYR A 28 -4.98 0.79 10.49
CA TYR A 28 -5.01 2.28 10.60
C TYR A 28 -4.49 2.77 11.97
N ILE A 29 -3.25 3.27 12.09
CA ILE A 29 -2.66 3.73 13.39
C ILE A 29 -3.44 4.96 13.85
N GLY A 30 -3.48 6.00 13.03
CA GLY A 30 -4.23 7.23 13.31
C GLY A 30 -5.09 7.50 12.11
N SER A 31 -6.38 7.75 12.27
CA SER A 31 -7.26 8.10 11.14
C SER A 31 -8.54 8.71 11.67
N ASP A 32 -9.24 9.51 10.87
CA ASP A 32 -10.56 10.04 11.26
C ASP A 32 -11.44 10.11 10.02
N LYS A 33 -12.44 9.24 9.91
CA LYS A 33 -13.39 9.28 8.78
C LYS A 33 -14.51 10.24 9.15
N TYR A 34 -15.08 10.95 8.18
CA TYR A 34 -16.24 11.86 8.40
C TYR A 34 -15.99 12.63 9.70
N PHE A 35 -14.77 13.10 9.95
CA PHE A 35 -14.47 13.91 11.16
C PHE A 35 -15.08 15.29 10.95
N HIS A 36 -15.85 15.83 11.90
CA HIS A 36 -16.46 17.18 11.81
C HIS A 36 -17.20 17.31 10.48
N ALA A 37 -17.92 16.26 10.06
CA ALA A 37 -18.60 16.21 8.75
C ALA A 37 -20.09 16.41 8.93
N ARG A 38 -20.77 17.22 8.12
CA ARG A 38 -22.21 17.54 8.27
C ARG A 38 -22.96 17.37 6.95
N GLY A 39 -23.96 16.50 6.86
CA GLY A 39 -24.81 16.38 5.65
C GLY A 39 -24.27 15.41 4.61
N ASN A 40 -23.17 14.70 4.87
CA ASN A 40 -22.53 13.78 3.90
C ASN A 40 -23.40 12.54 3.67
N TYR A 41 -23.79 12.26 2.43
CA TYR A 41 -24.59 11.07 2.09
C TYR A 41 -23.63 9.97 1.66
N ASP A 42 -23.58 8.80 2.30
CA ASP A 42 -22.54 7.77 2.03
C ASP A 42 -23.22 6.50 1.48
N ALA A 43 -23.27 6.31 0.16
CA ALA A 43 -24.01 5.18 -0.46
C ALA A 43 -23.05 4.28 -1.24
N ALA A 44 -21.77 4.24 -0.92
CA ALA A 44 -20.77 3.47 -1.69
C ALA A 44 -21.29 2.03 -1.75
N LYS A 45 -21.40 1.40 -2.94
CA LYS A 45 -21.82 -0.01 -3.06
C LYS A 45 -20.58 -0.88 -2.89
N ARG A 46 -20.01 -0.90 -1.68
CA ARG A 46 -18.78 -1.69 -1.37
C ARG A 46 -18.94 -3.11 -1.92
N GLY A 47 -20.16 -3.66 -1.96
CA GLY A 47 -20.45 -4.95 -2.62
C GLY A 47 -19.82 -6.12 -1.88
N PRO A 48 -19.81 -7.33 -2.50
CA PRO A 48 -19.19 -8.50 -1.90
C PRO A 48 -17.78 -8.25 -1.37
N GLY A 49 -17.35 -9.01 -0.36
CA GLY A 49 -16.02 -8.87 0.22
C GLY A 49 -15.65 -10.16 0.91
N GLY A 50 -14.38 -10.32 1.29
CA GLY A 50 -13.92 -11.53 1.99
C GLY A 50 -13.61 -12.63 1.00
N VAL A 51 -13.28 -13.82 1.47
CA VAL A 51 -12.88 -14.94 0.58
C VAL A 51 -14.14 -15.58 0.01
N TRP A 52 -14.12 -16.05 -1.23
CA TRP A 52 -15.22 -16.81 -1.85
C TRP A 52 -14.55 -18.04 -2.43
N ALA A 53 -14.01 -18.89 -1.59
CA ALA A 53 -13.24 -20.06 -2.02
C ALA A 53 -14.14 -21.18 -2.52
N ALA A 54 -13.73 -21.87 -3.58
CA ALA A 54 -14.46 -23.01 -4.17
C ALA A 54 -13.38 -24.05 -4.48
N GLU A 55 -13.55 -25.32 -4.14
CA GLU A 55 -12.57 -26.37 -4.54
C GLU A 55 -13.31 -27.66 -4.90
N ALA A 56 -13.34 -28.04 -6.18
CA ALA A 56 -14.06 -29.25 -6.64
C ALA A 56 -13.07 -30.30 -7.16
N ILE A 57 -12.91 -31.42 -6.45
CA ILE A 57 -12.03 -32.53 -6.91
C ILE A 57 -12.96 -33.66 -7.34
N SER A 58 -13.13 -33.89 -8.65
CA SER A 58 -14.11 -34.89 -9.16
C SER A 58 -13.54 -35.75 -10.28
N ASP A 59 -13.58 -37.08 -10.14
CA ASP A 59 -13.14 -38.02 -11.22
C ASP A 59 -14.42 -38.55 -11.88
N ALA A 60 -14.45 -38.79 -13.20
CA ALA A 60 -15.70 -39.22 -13.89
C ALA A 60 -15.46 -39.93 -15.22
N ARG A 61 -16.51 -40.49 -15.83
CA ARG A 61 -16.45 -41.02 -17.21
C ARG A 61 -16.85 -39.85 -18.12
N GLU A 62 -17.66 -38.90 -17.64
CA GLU A 62 -18.03 -37.65 -18.36
C GLU A 62 -18.13 -36.60 -17.26
N ASN A 63 -17.70 -35.34 -17.49
CA ASN A 63 -17.66 -34.33 -16.39
C ASN A 63 -18.12 -32.95 -16.86
N ILE A 64 -18.84 -32.21 -16.00
CA ILE A 64 -19.27 -30.81 -16.33
C ILE A 64 -19.14 -29.97 -15.05
N GLN A 65 -18.15 -29.07 -14.98
CA GLN A 65 -17.93 -28.25 -13.76
C GLN A 65 -17.99 -26.75 -14.10
N ARG A 66 -18.76 -25.97 -13.33
CA ARG A 66 -18.88 -24.50 -13.58
C ARG A 66 -18.57 -23.74 -12.29
N PHE A 67 -17.82 -22.63 -12.40
CA PHE A 67 -17.43 -21.83 -11.22
C PHE A 67 -17.86 -20.37 -11.40
N PHE A 68 -18.45 -19.76 -10.37
CA PHE A 68 -18.91 -18.35 -10.44
C PHE A 68 -19.67 -18.11 -11.75
N SER B 1 -10.00 8.43 20.50
CA SER B 1 -9.50 9.82 20.50
C SER B 1 -8.47 9.98 21.64
N PHE B 2 -7.28 9.40 21.49
CA PHE B 2 -6.21 9.44 22.51
C PHE B 2 -5.76 10.88 22.78
N PHE B 3 -5.70 11.32 24.03
CA PHE B 3 -5.16 12.66 24.39
C PHE B 3 -5.81 13.77 23.56
N SER B 4 -7.11 13.66 23.28
CA SER B 4 -7.85 14.67 22.48
C SER B 4 -8.42 15.73 23.42
N PHE B 5 -8.85 16.88 22.91
CA PHE B 5 -9.53 17.94 23.71
C PHE B 5 -10.79 18.34 22.94
N LEU B 6 -11.88 18.72 23.62
CA LEU B 6 -13.08 19.21 22.91
C LEU B 6 -13.84 20.17 23.84
N GLY B 7 -14.37 21.29 23.34
CA GLY B 7 -15.24 22.15 24.17
C GLY B 7 -16.12 23.04 23.32
N GLU B 8 -17.14 23.70 23.88
CA GLU B 8 -17.99 24.67 23.13
C GLU B 8 -18.47 25.76 24.09
N ALA B 9 -18.60 27.02 23.63
CA ALA B 9 -19.12 28.15 24.44
C ALA B 9 -18.39 28.24 25.78
N PHE B 10 -17.05 28.20 25.78
CA PHE B 10 -16.24 28.16 27.03
C PHE B 10 -15.14 29.24 27.02
N ASP B 11 -14.94 29.95 28.15
CA ASP B 11 -13.88 30.99 28.29
C ASP B 11 -12.61 30.30 28.79
N GLY B 12 -11.43 30.75 28.36
CA GLY B 12 -10.15 30.09 28.71
C GLY B 12 -9.48 30.73 29.89
N ALA B 13 -8.31 30.20 30.27
CA ALA B 13 -7.52 30.71 31.41
C ALA B 13 -6.07 30.30 31.16
N ARG B 14 -5.10 30.83 31.91
CA ARG B 14 -3.68 30.53 31.67
C ARG B 14 -3.45 29.03 31.87
N ASP B 15 -2.70 28.36 31.00
CA ASP B 15 -2.35 26.93 31.18
C ASP B 15 -3.64 26.10 31.34
N MET B 16 -4.69 26.44 30.59
CA MET B 16 -6.01 25.76 30.73
C MET B 16 -5.84 24.25 30.47
N TRP B 17 -4.91 23.83 29.62
CA TRP B 17 -4.71 22.40 29.26
C TRP B 17 -3.22 22.12 29.07
N ARG B 18 -2.74 21.00 29.62
CA ARG B 18 -1.32 20.58 29.50
C ARG B 18 -1.34 19.07 29.36
N ALA B 19 -0.56 18.50 28.44
CA ALA B 19 -0.45 17.04 28.28
C ALA B 19 1.03 16.69 28.25
N TYR B 20 1.50 15.64 28.91
CA TYR B 20 2.94 15.29 29.00
C TYR B 20 3.10 13.82 28.66
N SER B 21 2.58 13.36 27.52
CA SER B 21 2.61 11.93 27.16
C SER B 21 4.00 11.52 26.66
N ASP B 22 4.32 10.23 26.73
CA ASP B 22 5.57 9.67 26.16
C ASP B 22 5.13 8.50 25.29
N MET B 23 5.47 8.46 24.00
CA MET B 23 5.01 7.39 23.06
C MET B 23 6.22 6.77 22.36
N ARG B 24 7.36 6.63 23.04
CA ARG B 24 8.52 5.93 22.43
C ARG B 24 8.08 4.49 22.17
N GLU B 25 8.43 3.89 21.02
CA GLU B 25 8.09 2.47 20.72
C GLU B 25 6.58 2.23 20.85
N ALA B 26 5.69 3.11 20.43
CA ALA B 26 4.23 2.94 20.68
C ALA B 26 3.44 2.80 19.37
N ASN B 27 2.15 2.42 19.42
CA ASN B 27 1.23 2.43 18.25
C ASN B 27 1.82 1.53 17.16
N TYR B 28 2.02 0.25 17.44
CA TYR B 28 2.61 -0.78 16.50
C TYR B 28 1.62 -1.82 16.00
N ILE B 29 1.22 -1.82 14.72
CA ILE B 29 0.13 -2.72 14.20
C ILE B 29 0.63 -4.16 13.98
N GLY B 30 1.74 -4.36 13.28
CA GLY B 30 2.25 -5.72 13.01
C GLY B 30 3.77 -5.78 13.05
N SER B 31 4.44 -4.77 13.59
CA SER B 31 5.92 -4.69 13.55
C SER B 31 6.56 -5.51 14.66
N ASP B 32 7.13 -6.66 14.33
CA ASP B 32 7.72 -7.59 15.34
C ASP B 32 9.13 -7.13 15.71
N LYS B 33 9.71 -7.72 16.76
CA LYS B 33 11.13 -7.48 17.13
C LYS B 33 11.64 -8.85 17.55
N TYR B 34 12.46 -9.53 16.75
CA TYR B 34 12.86 -10.92 17.05
C TYR B 34 14.24 -11.25 16.51
N PHE B 35 14.85 -12.36 16.91
CA PHE B 35 16.13 -12.82 16.34
C PHE B 35 16.00 -14.33 16.16
N HIS B 36 16.79 -14.94 15.28
CA HIS B 36 16.70 -16.40 15.00
C HIS B 36 18.10 -16.96 14.81
N ALA B 37 18.72 -17.45 15.90
CA ALA B 37 20.11 -17.95 15.89
C ALA B 37 20.05 -19.47 15.75
N ARG B 38 20.19 -20.01 14.54
CA ARG B 38 20.20 -21.48 14.29
C ARG B 38 21.55 -21.97 14.79
N GLY B 39 22.62 -21.20 14.56
CA GLY B 39 23.98 -21.55 15.00
C GLY B 39 24.03 -21.69 16.52
N SER C 1 4.67 -7.37 9.83
CA SER C 1 5.07 -8.80 9.68
C SER C 1 3.84 -9.67 9.40
N PHE C 2 2.89 -9.19 8.57
CA PHE C 2 1.62 -9.92 8.28
C PHE C 2 1.95 -11.19 7.48
N PHE C 3 1.23 -12.29 7.72
CA PHE C 3 1.38 -13.54 6.92
C PHE C 3 2.85 -13.93 6.84
N SER C 4 3.60 -13.89 7.95
CA SER C 4 5.04 -14.24 7.98
C SER C 4 5.20 -15.76 7.78
N PHE C 5 6.32 -16.21 7.19
CA PHE C 5 6.63 -17.66 7.02
C PHE C 5 8.12 -17.86 7.32
N LEU C 6 8.50 -19.00 7.91
CA LEU C 6 9.93 -19.35 8.15
C LEU C 6 10.17 -20.82 7.84
N GLY C 7 11.38 -21.23 7.46
CA GLY C 7 11.65 -22.66 7.24
C GLY C 7 13.11 -22.97 7.01
N GLU C 8 13.48 -24.24 7.03
CA GLU C 8 14.85 -24.73 6.72
C GLU C 8 14.65 -25.96 5.86
N ALA C 9 15.61 -26.35 5.01
CA ALA C 9 15.56 -27.62 4.26
C ALA C 9 14.24 -27.81 3.51
N PHE C 10 13.88 -26.91 2.58
CA PHE C 10 12.71 -27.12 1.68
C PHE C 10 13.18 -28.08 0.58
N ASP C 11 13.58 -29.31 0.93
CA ASP C 11 14.19 -30.27 -0.03
C ASP C 11 12.96 -30.90 -0.67
N GLY C 12 12.72 -30.63 -1.97
CA GLY C 12 11.59 -31.22 -2.71
C GLY C 12 10.20 -30.66 -2.47
N ALA C 13 10.04 -29.54 -1.74
CA ALA C 13 8.73 -28.89 -1.55
C ALA C 13 8.02 -28.57 -2.89
N ARG C 14 6.68 -28.43 -2.87
CA ARG C 14 5.86 -28.03 -4.04
C ARG C 14 4.67 -27.23 -3.51
N ASP C 15 4.25 -26.13 -4.15
CA ASP C 15 3.02 -25.38 -3.77
C ASP C 15 3.10 -25.01 -2.29
N MET C 16 4.23 -24.52 -1.81
CA MET C 16 4.42 -24.24 -0.35
C MET C 16 3.47 -23.15 0.13
N TRP C 17 3.18 -22.10 -0.63
CA TRP C 17 2.35 -20.95 -0.16
C TRP C 17 1.56 -20.30 -1.30
N ARG C 18 0.33 -19.84 -1.06
CA ARG C 18 -0.51 -19.12 -2.05
C ARG C 18 -1.12 -17.94 -1.31
N ALA C 19 -0.40 -16.81 -1.22
CA ALA C 19 -0.85 -15.61 -0.48
C ALA C 19 -1.67 -14.68 -1.38
N TYR C 20 -2.93 -15.01 -1.65
CA TYR C 20 -3.83 -14.12 -2.41
C TYR C 20 -4.35 -13.09 -1.41
N SER C 21 -4.40 -11.79 -1.74
CA SER C 21 -4.83 -10.74 -0.77
C SER C 21 -5.38 -9.50 -1.47
N ASP C 22 -6.17 -8.67 -0.77
CA ASP C 22 -6.71 -7.39 -1.31
C ASP C 22 -6.39 -6.30 -0.28
N MET C 23 -5.26 -5.60 -0.38
CA MET C 23 -4.79 -4.64 0.66
C MET C 23 -5.23 -3.23 0.28
N ARG C 24 -6.35 -3.09 -0.43
CA ARG C 24 -6.83 -1.77 -0.89
C ARG C 24 -7.12 -0.89 0.33
N GLU C 25 -6.93 0.42 0.25
CA GLU C 25 -7.26 1.37 1.35
C GLU C 25 -6.68 0.85 2.67
N ALA C 26 -5.48 0.24 2.70
CA ALA C 26 -4.91 -0.37 3.92
C ALA C 26 -3.64 0.37 4.37
N ASN C 27 -3.10 0.01 5.53
CA ASN C 27 -1.83 0.59 6.04
C ASN C 27 -1.88 2.11 6.01
N TYR C 28 -2.74 2.79 6.80
CA TYR C 28 -2.79 4.28 6.88
C TYR C 28 -2.31 4.80 8.25
N ILE C 29 -1.07 5.34 8.38
CA ILE C 29 -0.52 5.83 9.68
C ILE C 29 -1.32 7.04 10.11
N GLY C 30 -1.39 8.07 9.27
CA GLY C 30 -2.16 9.28 9.53
C GLY C 30 -3.02 9.52 8.32
N SER C 31 -4.31 9.74 8.46
CA SER C 31 -5.19 10.06 7.32
C SER C 31 -6.49 10.65 7.82
N ASP C 32 -7.19 11.42 7.00
CA ASP C 32 -8.52 11.92 7.37
C ASP C 32 -9.39 11.97 6.13
N LYS C 33 -10.37 11.06 6.01
CA LYS C 33 -11.32 11.06 4.87
C LYS C 33 -12.47 12.00 5.22
N TYR C 34 -13.03 12.70 4.24
CA TYR C 34 -14.21 13.58 4.43
C TYR C 34 -14.00 14.37 5.72
N PHE C 35 -12.79 14.88 5.98
CA PHE C 35 -12.52 15.71 7.18
C PHE C 35 -13.16 17.07 6.93
N HIS C 36 -13.95 17.61 7.88
CA HIS C 36 -14.59 18.94 7.75
C HIS C 36 -15.32 19.03 6.42
N ALA C 37 -16.01 17.97 6.01
CA ALA C 37 -16.67 17.88 4.69
C ALA C 37 -18.18 18.06 4.86
N ARG C 38 -18.86 18.83 4.02
CA ARG C 38 -20.30 19.12 4.16
C ARG C 38 -21.04 18.91 2.83
N GLY C 39 -22.03 18.03 2.74
CA GLY C 39 -22.85 17.86 1.52
C GLY C 39 -22.28 16.89 0.50
N ASN C 40 -21.16 16.22 0.80
CA ASN C 40 -20.49 15.29 -0.16
C ASN C 40 -21.34 14.03 -0.39
N TYR C 41 -21.70 13.73 -1.62
CA TYR C 41 -22.48 12.51 -1.96
C TYR C 41 -21.49 11.43 -2.36
N ASP C 42 -21.43 10.27 -1.70
CA ASP C 42 -20.36 9.25 -1.95
C ASP C 42 -21.01 7.97 -2.48
N ALA C 43 -21.04 7.75 -3.81
CA ALA C 43 -21.74 6.60 -4.41
C ALA C 43 -20.76 5.70 -5.17
N ALA C 44 -19.48 5.70 -4.84
CA ALA C 44 -18.46 4.94 -5.58
C ALA C 44 -18.94 3.49 -5.63
N LYS C 45 -19.03 2.85 -6.80
CA LYS C 45 -19.42 1.42 -6.92
C LYS C 45 -18.15 0.58 -6.71
N ARG C 46 -17.59 0.59 -5.50
CA ARG C 46 -16.35 -0.17 -5.17
C ARG C 46 -16.48 -1.60 -5.70
N GLY C 47 -17.69 -2.17 -5.74
CA GLY C 47 -17.94 -3.48 -6.38
C GLY C 47 -17.29 -4.62 -5.62
N PRO C 48 -17.25 -5.84 -6.22
CA PRO C 48 -16.60 -7.00 -5.60
C PRO C 48 -15.21 -6.70 -5.06
N GLY C 49 -14.78 -7.43 -4.04
CA GLY C 49 -13.45 -7.26 -3.43
C GLY C 49 -13.06 -8.53 -2.73
N GLY C 50 -11.79 -8.66 -2.33
CA GLY C 50 -11.31 -9.84 -1.60
C GLY C 50 -10.98 -10.94 -2.58
N VAL C 51 -10.62 -12.13 -2.09
CA VAL C 51 -10.18 -13.24 -2.96
C VAL C 51 -11.42 -13.92 -3.53
N TRP C 52 -11.37 -14.42 -4.76
CA TRP C 52 -12.46 -15.20 -5.39
C TRP C 52 -11.76 -16.43 -5.95
N ALA C 53 -11.20 -17.26 -5.08
CA ALA C 53 -10.39 -18.42 -5.48
C ALA C 53 -11.27 -19.56 -5.98
N ALA C 54 -10.84 -20.25 -7.03
CA ALA C 54 -11.53 -21.42 -7.60
C ALA C 54 -10.43 -22.44 -7.89
N GLU C 55 -10.58 -23.72 -7.54
CA GLU C 55 -9.57 -24.75 -7.91
C GLU C 55 -10.28 -26.05 -8.26
N ALA C 56 -10.28 -26.46 -9.53
CA ALA C 56 -10.97 -27.69 -9.98
C ALA C 56 -9.95 -28.72 -10.47
N ILE C 57 -9.77 -29.82 -9.75
CA ILE C 57 -8.87 -30.93 -10.18
C ILE C 57 -9.77 -32.08 -10.61
N SER C 58 -9.92 -32.34 -11.91
CA SER C 58 -10.87 -33.36 -12.41
C SER C 58 -10.28 -34.23 -13.52
N ASP C 59 -10.28 -35.56 -13.36
CA ASP C 59 -9.81 -36.50 -14.41
C ASP C 59 -11.07 -37.06 -15.09
N ALA C 60 -11.08 -37.33 -16.41
CA ALA C 60 -12.31 -37.80 -17.09
C ALA C 60 -12.05 -38.51 -18.41
N ARG C 61 -13.08 -39.10 -19.03
CA ARG C 61 -12.99 -39.67 -20.40
C ARG C 61 -13.40 -38.51 -21.33
N GLU C 62 -14.25 -37.58 -20.87
CA GLU C 62 -14.63 -36.34 -21.61
C GLU C 62 -14.77 -35.28 -20.53
N ASN C 63 -14.38 -34.02 -20.78
CA ASN C 63 -14.36 -32.99 -19.69
C ASN C 63 -14.84 -31.63 -20.19
N ILE C 64 -15.59 -30.89 -19.34
CA ILE C 64 -16.05 -29.50 -19.70
C ILE C 64 -15.94 -28.64 -18.42
N GLN C 65 -14.99 -27.72 -18.36
CA GLN C 65 -14.79 -26.87 -17.15
C GLN C 65 -14.87 -25.39 -17.52
N ARG C 66 -15.67 -24.61 -16.77
CA ARG C 66 -15.82 -23.15 -17.04
C ARG C 66 -15.54 -22.36 -15.76
N PHE C 67 -14.82 -21.24 -15.88
CA PHE C 67 -14.45 -20.41 -14.70
C PHE C 67 -14.92 -18.96 -14.91
N PHE C 68 -15.53 -18.35 -13.89
CA PHE C 68 -16.01 -16.95 -13.98
C PHE C 68 -16.78 -16.75 -15.31
N SER D 1 -8.03 10.46 16.65
CA SER D 1 -7.56 11.87 16.63
C SER D 1 -6.55 12.06 17.77
N PHE D 2 -5.34 11.50 17.64
CA PHE D 2 -4.28 11.58 18.68
C PHE D 2 -3.86 13.03 18.93
N PHE D 3 -3.83 13.50 20.17
CA PHE D 3 -3.32 14.86 20.52
C PHE D 3 -4.00 15.94 19.67
N SER D 4 -5.28 15.79 19.37
CA SER D 4 -6.04 16.77 18.55
C SER D 4 -6.64 17.83 19.47
N PHE D 5 -7.09 18.98 18.94
CA PHE D 5 -7.80 20.03 19.71
C PHE D 5 -9.06 20.38 18.93
N LEU D 6 -10.16 20.75 19.59
CA LEU D 6 -11.37 21.21 18.87
C LEU D 6 -12.15 22.15 19.77
N GLY D 7 -12.72 23.26 19.24
CA GLY D 7 -13.61 24.11 20.05
C GLY D 7 -14.51 24.96 19.17
N GLU D 8 -15.54 25.61 19.72
CA GLU D 8 -16.40 26.56 18.95
C GLU D 8 -16.92 27.65 19.89
N ALA D 9 -17.07 28.91 19.41
CA ALA D 9 -17.63 30.04 20.20
C ALA D 9 -16.91 30.15 21.54
N PHE D 10 -15.57 30.14 21.56
CA PHE D 10 -14.77 30.15 22.82
C PHE D 10 -13.69 31.25 22.81
N ASP D 11 -13.52 31.98 23.92
CA ASP D 11 -12.49 33.05 24.06
C ASP D 11 -11.20 32.39 24.58
N GLY D 12 -10.03 32.86 24.16
CA GLY D 12 -8.75 32.24 24.53
C GLY D 12 -8.10 32.90 25.70
N ALA D 13 -6.92 32.40 26.11
CA ALA D 13 -6.15 32.95 27.25
C ALA D 13 -4.69 32.57 27.02
N ARG D 14 -3.75 33.13 27.77
CA ARG D 14 -2.31 32.86 27.55
C ARG D 14 -2.06 31.36 27.76
N ASP D 15 -1.28 30.70 26.92
CA ASP D 15 -0.90 29.28 27.12
C ASP D 15 -2.17 28.43 27.29
N MET D 16 -3.22 28.73 26.52
CA MET D 16 -4.53 28.02 26.65
C MET D 16 -4.33 26.52 26.42
N TRP D 17 -3.38 26.11 25.58
CA TRP D 17 -3.14 24.68 25.25
C TRP D 17 -1.64 24.41 25.07
N ARG D 18 -1.14 23.33 25.65
CA ARG D 18 0.29 22.94 25.55
C ARG D 18 0.30 21.42 25.43
N ALA D 19 1.10 20.86 24.52
CA ALA D 19 1.26 19.39 24.39
C ALA D 19 2.74 19.09 24.38
N TYR D 20 3.21 18.04 25.06
CA TYR D 20 4.67 17.74 25.17
C TYR D 20 4.87 16.26 24.86
N SER D 21 4.36 15.78 23.72
CA SER D 21 4.43 14.34 23.37
C SER D 21 5.83 13.95 22.89
N ASP D 22 6.19 12.66 23.00
CA ASP D 22 7.46 12.14 22.44
C ASP D 22 7.05 10.94 21.59
N MET D 23 7.40 10.89 20.30
CA MET D 23 6.98 9.79 19.37
C MET D 23 8.21 9.19 18.69
N ARG D 24 9.34 9.08 19.38
CA ARG D 24 10.53 8.41 18.79
C ARG D 24 10.11 6.95 18.55
N GLU D 25 10.49 6.35 17.42
CA GLU D 25 10.18 4.91 17.14
C GLU D 25 8.69 4.63 17.26
N ALA D 26 7.78 5.50 16.81
CA ALA D 26 6.32 5.29 17.04
C ALA D 26 5.54 5.13 15.73
N ASN D 27 4.26 4.72 15.77
CA ASN D 27 3.35 4.68 14.59
C ASN D 27 3.98 3.78 13.52
N TYR D 28 4.20 2.50 13.82
CA TYR D 28 4.83 1.49 12.92
C TYR D 28 3.85 0.41 12.41
N ILE D 29 3.47 0.38 11.12
CA ILE D 29 2.42 -0.55 10.62
C ILE D 29 2.94 -1.98 10.41
N GLY D 30 4.07 -2.17 9.73
CA GLY D 30 4.62 -3.52 9.49
C GLY D 30 6.13 -3.54 9.54
N SER D 31 6.77 -2.51 10.08
CA SER D 31 8.24 -2.39 10.05
C SER D 31 8.89 -3.20 11.18
N ASP D 32 9.50 -4.34 10.87
CA ASP D 32 10.09 -5.22 11.90
C ASP D 32 11.49 -4.74 12.28
N LYS D 33 12.08 -5.30 13.34
CA LYS D 33 13.48 -5.02 13.73
C LYS D 33 14.02 -6.38 14.17
N TYR D 34 14.85 -7.04 13.38
CA TYR D 34 15.29 -8.42 13.71
C TYR D 34 16.68 -8.72 13.19
N PHE D 35 17.31 -9.82 13.61
CA PHE D 35 18.60 -10.25 13.05
C PHE D 35 18.52 -11.77 12.90
N HIS D 36 19.31 -12.39 12.04
CA HIS D 36 19.26 -13.85 11.77
C HIS D 36 20.68 -14.38 11.62
N ALA D 37 21.30 -14.83 12.72
CA ALA D 37 22.70 -15.30 12.73
C ALA D 37 22.68 -16.83 12.61
N ARG D 38 22.83 -17.38 11.40
CA ARG D 38 22.89 -18.86 11.19
C ARG D 38 24.25 -19.31 11.70
N GLY D 39 25.30 -18.52 11.46
CA GLY D 39 26.66 -18.84 11.93
C GLY D 39 26.70 -18.95 13.45
N SER E 1 7.10 -5.16 6.35
CA SER E 1 7.52 -6.59 6.23
C SER E 1 6.31 -7.48 5.95
N PHE E 2 5.37 -7.04 5.10
CA PHE E 2 4.13 -7.80 4.81
C PHE E 2 4.48 -9.07 4.04
N PHE E 3 3.78 -10.18 4.28
CA PHE E 3 3.98 -11.44 3.51
C PHE E 3 5.46 -11.81 3.45
N SER E 4 6.19 -11.73 4.55
CA SER E 4 7.64 -12.05 4.61
C SER E 4 7.84 -13.56 4.43
N PHE E 5 8.97 -14.00 3.86
CA PHE E 5 9.32 -15.44 3.72
C PHE E 5 10.81 -15.61 4.04
N LEU E 6 11.21 -16.73 4.64
CA LEU E 6 12.64 -17.04 4.91
C LEU E 6 12.91 -18.51 4.62
N GLY E 7 14.13 -18.90 4.26
CA GLY E 7 14.44 -20.33 4.07
C GLY E 7 15.91 -20.61 3.85
N GLU E 8 16.30 -21.88 3.89
CA GLU E 8 17.69 -22.33 3.61
C GLU E 8 17.53 -23.59 2.76
N ALA E 9 18.51 -23.96 1.93
CA ALA E 9 18.49 -25.25 1.20
C ALA E 9 17.18 -25.48 0.43
N PHE E 10 16.81 -24.60 -0.51
CA PHE E 10 15.65 -24.85 -1.42
C PHE E 10 16.16 -25.82 -2.50
N ASP E 11 16.58 -27.03 -2.13
CA ASP E 11 17.22 -27.99 -3.07
C ASP E 11 16.01 -28.65 -3.72
N GLY E 12 15.79 -28.41 -5.01
CA GLY E 12 14.67 -29.02 -5.76
C GLY E 12 13.26 -28.50 -5.55
N ALA E 13 13.09 -27.37 -4.83
CA ALA E 13 11.75 -26.76 -4.67
C ALA E 13 11.05 -26.47 -6.01
N ARG E 14 9.71 -26.35 -6.01
CA ARG E 14 8.88 -25.99 -7.20
C ARG E 14 7.67 -25.21 -6.69
N ASP E 15 7.24 -24.12 -7.35
CA ASP E 15 5.99 -23.40 -6.99
C ASP E 15 6.04 -23.01 -5.52
N MET E 16 7.16 -22.48 -5.03
CA MET E 16 7.33 -22.18 -3.58
C MET E 16 6.35 -21.10 -3.12
N TRP E 17 6.04 -20.07 -3.91
CA TRP E 17 5.18 -18.94 -3.46
C TRP E 17 4.39 -18.32 -4.61
N ARG E 18 3.14 -17.88 -4.40
CA ARG E 18 2.30 -17.20 -5.41
C ARG E 18 1.66 -16.01 -4.68
N ALA E 19 2.35 -14.87 -4.61
CA ALA E 19 1.87 -13.67 -3.89
C ALA E 19 1.04 -12.78 -4.81
N TYR E 20 -0.21 -13.13 -5.08
CA TYR E 20 -1.13 -12.27 -5.88
C TYR E 20 -1.67 -11.24 -4.89
N SER E 21 -1.75 -9.95 -5.24
CA SER E 21 -2.21 -8.89 -4.30
C SER E 21 -2.78 -7.67 -5.02
N ASP E 22 -3.60 -6.85 -4.34
CA ASP E 22 -4.16 -5.59 -4.90
C ASP E 22 -3.88 -4.48 -3.88
N MET E 23 -2.76 -3.77 -3.98
CA MET E 23 -2.32 -2.78 -2.95
C MET E 23 -2.79 -1.38 -3.35
N ARG E 24 -3.91 -1.28 -4.07
CA ARG E 24 -4.41 0.03 -4.56
C ARG E 24 -4.73 0.92 -3.36
N GLU E 25 -4.57 2.23 -3.46
CA GLU E 25 -4.93 3.18 -2.37
C GLU E 25 -4.35 2.70 -1.04
N ALA E 26 -3.15 2.12 -0.99
CA ALA E 26 -2.57 1.54 0.25
C ALA E 26 -1.33 2.32 0.69
N ASN E 27 -0.79 1.98 1.86
CA ASN E 27 0.46 2.60 2.38
C ASN E 27 0.38 4.12 2.34
N TYR E 28 -0.50 4.79 3.10
CA TYR E 28 -0.59 6.28 3.17
C TYR E 28 -0.12 6.83 4.53
N ILE E 29 1.09 7.39 4.66
CA ILE E 29 1.63 7.91 5.96
C ILE E 29 0.78 9.12 6.36
N GLY E 30 0.71 10.13 5.51
CA GLY E 30 -0.09 11.34 5.74
C GLY E 30 -0.95 11.53 4.51
N SER E 31 -2.24 11.73 4.65
CA SER E 31 -3.11 12.00 3.49
C SER E 31 -4.43 12.58 3.96
N ASP E 32 -5.14 13.31 3.13
CA ASP E 32 -6.49 13.80 3.48
C ASP E 32 -7.35 13.80 2.22
N LYS E 33 -8.31 12.88 2.11
CA LYS E 33 -9.24 12.84 0.96
C LYS E 33 -10.41 13.76 1.29
N TYR E 34 -10.98 14.43 0.29
CA TYR E 34 -12.18 15.29 0.45
C TYR E 34 -12.00 16.10 1.74
N PHE E 35 -10.80 16.63 2.00
CA PHE E 35 -10.56 17.49 3.19
C PHE E 35 -11.24 18.83 2.92
N HIS E 36 -12.04 19.37 3.85
CA HIS E 36 -12.71 20.69 3.70
C HIS E 36 -13.44 20.74 2.35
N ALA E 37 -14.09 19.65 1.95
CA ALA E 37 -14.74 19.54 0.63
C ALA E 37 -16.25 19.67 0.78
N ARG E 38 -16.94 20.43 -0.08
CA ARG E 38 -18.39 20.68 0.04
C ARG E 38 -19.11 20.45 -1.29
N GLY E 39 -20.07 19.53 -1.38
CA GLY E 39 -20.89 19.34 -2.60
C GLY E 39 -20.28 18.36 -3.60
N ASN E 40 -19.15 17.72 -3.29
CA ASN E 40 -18.45 16.79 -4.22
C ASN E 40 -19.27 15.51 -4.44
N TYR E 41 -19.61 15.18 -5.67
CA TYR E 41 -20.36 13.94 -6.00
C TYR E 41 -19.35 12.88 -6.38
N ASP E 42 -19.26 11.73 -5.70
CA ASP E 42 -18.16 10.72 -5.92
C ASP E 42 -18.77 9.43 -6.44
N ALA E 43 -18.78 9.19 -7.76
CA ALA E 43 -19.47 8.01 -8.36
C ALA E 43 -18.46 7.12 -9.10
N ALA E 44 -17.17 7.16 -8.74
CA ALA E 44 -16.13 6.41 -9.47
C ALA E 44 -16.58 4.95 -9.50
N LYS E 45 -16.64 4.28 -10.66
CA LYS E 45 -17.00 2.84 -10.76
C LYS E 45 -15.72 2.04 -10.53
N ARG E 46 -15.17 2.08 -9.32
CA ARG E 46 -13.91 1.36 -8.96
C ARG E 46 -14.01 -0.09 -9.47
N GLY E 47 -15.21 -0.69 -9.51
CA GLY E 47 -15.42 -2.01 -10.14
C GLY E 47 -14.75 -3.13 -9.36
N PRO E 48 -14.68 -4.35 -9.93
CA PRO E 48 -14.02 -5.48 -9.29
C PRO E 48 -12.64 -5.15 -8.75
N GLY E 49 -12.20 -5.86 -7.71
CA GLY E 49 -10.88 -5.65 -7.09
C GLY E 49 -10.47 -6.89 -6.36
N GLY E 50 -9.21 -6.99 -5.96
CA GLY E 50 -8.70 -8.16 -5.20
C GLY E 50 -8.33 -9.26 -6.16
N VAL E 51 -7.96 -10.43 -5.64
CA VAL E 51 -7.49 -11.55 -6.50
C VAL E 51 -8.70 -12.26 -7.07
N TRP E 52 -8.63 -12.78 -8.30
CA TRP E 52 -9.70 -13.59 -8.92
C TRP E 52 -8.96 -14.81 -9.45
N ALA E 53 -8.39 -15.61 -8.56
CA ALA E 53 -7.56 -16.76 -8.95
C ALA E 53 -8.41 -17.92 -9.43
N ALA E 54 -7.95 -18.63 -10.47
CA ALA E 54 -8.61 -19.82 -11.04
C ALA E 54 -7.48 -20.81 -11.29
N GLU E 55 -7.60 -22.09 -10.92
CA GLU E 55 -6.57 -23.10 -11.27
C GLU E 55 -7.25 -24.43 -11.60
N ALA E 56 -7.23 -24.85 -12.87
CA ALA E 56 -7.88 -26.10 -13.31
C ALA E 56 -6.84 -27.11 -13.77
N ILE E 57 -6.64 -28.21 -13.04
CA ILE E 57 -5.70 -29.30 -13.44
C ILE E 57 -6.58 -30.47 -13.86
N SER E 58 -6.71 -30.76 -15.16
CA SER E 58 -7.64 -31.81 -15.66
C SER E 58 -7.01 -32.68 -16.75
N ASP E 59 -7.00 -34.00 -16.57
CA ASP E 59 -6.49 -34.95 -17.61
C ASP E 59 -7.72 -35.55 -18.28
N ALA E 60 -7.72 -35.84 -19.59
CA ALA E 60 -8.92 -36.35 -20.28
C ALA E 60 -8.64 -37.08 -21.59
N ARG E 61 -9.65 -37.70 -22.21
CA ARG E 61 -9.54 -38.27 -23.57
C ARG E 61 -9.96 -37.14 -24.52
N GLU E 62 -10.82 -36.22 -24.08
CA GLU E 62 -11.24 -35.01 -24.85
C GLU E 62 -11.40 -33.92 -23.78
N ASN E 63 -11.03 -32.67 -24.04
CA ASN E 63 -11.05 -31.63 -22.98
C ASN E 63 -11.56 -30.27 -23.49
N ILE E 64 -12.33 -29.55 -22.67
CA ILE E 64 -12.81 -28.18 -23.05
C ILE E 64 -12.74 -27.29 -21.79
N GLN E 65 -11.80 -26.35 -21.73
CA GLN E 65 -11.64 -25.48 -20.53
C GLN E 65 -11.76 -24.00 -20.92
N ARG E 66 -12.58 -23.23 -20.19
CA ARG E 66 -12.76 -21.78 -20.48
C ARG E 66 -12.51 -20.97 -19.21
N PHE E 67 -11.81 -19.83 -19.34
CA PHE E 67 -11.48 -18.98 -18.17
C PHE E 67 -11.98 -17.55 -18.41
N PHE E 68 -12.60 -16.93 -17.41
CA PHE E 68 -13.12 -15.54 -17.52
C PHE E 68 -13.87 -15.37 -18.85
N SER F 1 -6.07 12.48 12.78
CA SER F 1 -5.61 13.90 12.75
C SER F 1 -4.63 14.13 13.89
N PHE F 2 -3.41 13.59 13.78
CA PHE F 2 -2.36 13.71 14.83
C PHE F 2 -1.98 15.18 15.06
N PHE F 3 -1.97 15.66 16.30
CA PHE F 3 -1.49 17.04 16.64
C PHE F 3 -2.18 18.09 15.76
N SER F 4 -3.47 17.91 15.45
CA SER F 4 -4.24 18.87 14.61
C SER F 4 -4.87 19.93 15.51
N PHE F 5 -5.34 21.05 14.95
CA PHE F 5 -6.07 22.10 15.71
C PHE F 5 -7.33 22.41 14.91
N LEU F 6 -8.45 22.76 15.55
CA LEU F 6 -9.66 23.19 14.81
C LEU F 6 -10.47 24.13 15.69
N GLY F 7 -11.05 25.21 15.14
CA GLY F 7 -11.97 26.06 15.93
C GLY F 7 -12.88 26.87 15.03
N GLU F 8 -13.94 27.50 15.55
CA GLU F 8 -14.81 28.43 14.76
C GLU F 8 -15.36 29.52 15.68
N ALA F 9 -15.53 30.75 15.18
CA ALA F 9 -16.13 31.89 15.94
C ALA F 9 -15.42 32.04 17.29
N PHE F 10 -14.09 32.06 17.32
CA PHE F 10 -13.30 32.10 18.59
C PHE F 10 -12.25 33.22 18.57
N ASP F 11 -12.11 33.97 19.67
CA ASP F 11 -11.10 35.07 19.81
C ASP F 11 -9.80 34.45 20.35
N GLY F 12 -8.63 34.94 19.94
CA GLY F 12 -7.34 34.35 20.33
C GLY F 12 -6.71 35.04 21.51
N ALA F 13 -5.53 34.58 21.93
CA ALA F 13 -4.79 35.16 23.07
C ALA F 13 -3.32 34.81 22.86
N ARG F 14 -2.39 35.41 23.61
CA ARG F 14 -0.95 35.15 23.41
C ARG F 14 -0.67 33.67 23.65
N ASP F 15 0.14 33.01 22.82
CA ASP F 15 0.54 31.60 23.05
C ASP F 15 -0.71 30.73 23.21
N MET F 16 -1.76 30.99 22.43
CA MET F 16 -3.06 30.26 22.56
C MET F 16 -2.81 28.76 22.35
N TRP F 17 -1.85 28.36 21.53
CA TRP F 17 -1.57 26.92 21.22
C TRP F 17 -0.07 26.70 21.07
N ARG F 18 0.45 25.62 21.66
CA ARG F 18 1.88 25.27 21.58
C ARG F 18 1.94 23.75 21.49
N ALA F 19 2.76 23.19 20.60
CA ALA F 19 2.94 21.73 20.48
C ALA F 19 4.43 21.45 20.49
N TYR F 20 4.93 20.43 21.20
CA TYR F 20 6.38 20.16 21.32
C TYR F 20 6.62 18.69 21.03
N SER F 21 6.13 18.17 19.90
CA SER F 21 6.24 16.72 19.57
C SER F 21 7.65 16.36 19.11
N ASP F 22 8.04 15.09 19.24
CA ASP F 22 9.32 14.58 18.71
C ASP F 22 8.95 13.37 17.86
N MET F 23 9.31 13.30 16.58
CA MET F 23 8.93 12.19 15.67
C MET F 23 10.17 11.60 15.00
N ARG F 24 11.30 11.53 15.71
CA ARG F 24 12.51 10.87 15.15
C ARG F 24 12.13 9.41 14.92
N GLU F 25 12.53 8.79 13.80
CA GLU F 25 12.26 7.34 13.54
C GLU F 25 10.78 7.03 13.64
N ALA F 26 9.85 7.87 13.17
CA ALA F 26 8.39 7.64 13.40
C ALA F 26 7.63 7.43 12.08
N ASN F 27 6.36 7.00 12.11
CA ASN F 27 5.47 6.93 10.93
C ASN F 27 6.12 6.02 9.88
N TYR F 28 6.37 4.76 10.20
CA TYR F 28 7.03 3.74 9.31
C TYR F 28 6.08 2.64 8.81
N ILE F 29 5.71 2.58 7.52
CA ILE F 29 4.68 1.62 7.02
C ILE F 29 5.24 0.20 6.84
N GLY F 30 6.38 0.02 6.17
CA GLY F 30 6.96 -1.32 5.96
C GLY F 30 8.47 -1.31 6.03
N SER F 31 9.09 -0.26 6.56
CA SER F 31 10.56 -0.11 6.54
C SER F 31 11.21 -0.87 7.69
N ASP F 32 11.85 -2.00 7.40
CA ASP F 32 12.44 -2.87 8.44
C ASP F 32 13.83 -2.35 8.83
N LYS F 33 14.42 -2.88 9.91
CA LYS F 33 15.81 -2.56 10.31
C LYS F 33 16.38 -3.89 10.78
N TYR F 34 17.23 -4.56 10.00
CA TYR F 34 17.70 -5.92 10.36
C TYR F 34 19.10 -6.20 9.86
N PHE F 35 19.75 -7.28 10.30
CA PHE F 35 21.06 -7.69 9.77
C PHE F 35 21.00 -9.21 9.63
N HIS F 36 21.82 -9.81 8.79
CA HIS F 36 21.81 -11.29 8.54
C HIS F 36 23.24 -11.78 8.41
N ALA F 37 23.86 -12.21 9.52
CA ALA F 37 25.27 -12.65 9.55
C ALA F 37 25.28 -14.18 9.46
N ARG F 38 25.46 -14.75 8.26
CA ARG F 38 25.55 -16.22 8.07
C ARG F 38 26.91 -16.63 8.60
N GLY F 39 27.95 -15.83 8.36
CA GLY F 39 29.31 -16.11 8.85
C GLY F 39 29.34 -16.20 10.37
N SER G 1 9.51 -2.95 2.87
CA SER G 1 9.97 -4.36 2.77
C SER G 1 8.78 -5.29 2.49
N PHE G 2 7.85 -4.89 1.63
CA PHE G 2 6.62 -5.68 1.34
C PHE G 2 7.01 -6.95 0.59
N PHE G 3 6.34 -8.07 0.84
CA PHE G 3 6.56 -9.34 0.08
C PHE G 3 8.05 -9.67 0.05
N SER G 4 8.77 -9.56 1.16
CA SER G 4 10.23 -9.85 1.23
C SER G 4 10.46 -11.36 1.08
N PHE G 5 11.61 -11.78 0.53
CA PHE G 5 11.98 -13.21 0.42
C PHE G 5 13.47 -13.35 0.75
N LEU G 6 13.89 -14.46 1.37
CA LEU G 6 15.33 -14.72 1.66
C LEU G 6 15.64 -16.19 1.40
N GLY G 7 16.87 -16.55 1.05
CA GLY G 7 17.21 -17.97 0.89
C GLY G 7 18.69 -18.23 0.69
N GLU G 8 19.10 -19.49 0.75
CA GLU G 8 20.51 -19.91 0.49
C GLU G 8 20.38 -21.19 -0.34
N ALA G 9 21.37 -21.55 -1.16
CA ALA G 9 21.39 -22.85 -1.87
C ALA G 9 20.10 -23.12 -2.65
N PHE G 10 19.72 -22.27 -3.61
CA PHE G 10 18.58 -22.56 -4.52
C PHE G 10 19.12 -23.52 -5.58
N ASP G 11 19.57 -24.72 -5.19
CA ASP G 11 20.24 -25.68 -6.11
C ASP G 11 19.05 -26.38 -6.76
N GLY G 12 18.83 -26.16 -8.06
CA GLY G 12 17.74 -26.81 -8.81
C GLY G 12 16.32 -26.31 -8.62
N ALA G 13 16.10 -25.18 -7.92
CA ALA G 13 14.75 -24.59 -7.78
C ALA G 13 14.06 -24.34 -9.14
N ARG G 14 12.72 -24.26 -9.15
CA ARG G 14 11.90 -23.92 -10.35
C ARG G 14 10.66 -23.16 -9.86
N ASP G 15 10.22 -22.11 -10.55
CA ASP G 15 8.94 -21.40 -10.22
C ASP G 15 8.97 -20.98 -8.74
N MET G 16 10.08 -20.43 -8.25
CA MET G 16 10.22 -20.10 -6.81
C MET G 16 9.21 -19.04 -6.37
N TRP G 17 8.89 -18.02 -7.18
CA TRP G 17 8.00 -16.90 -6.75
C TRP G 17 7.21 -16.32 -7.92
N ARG G 18 5.95 -15.91 -7.73
CA ARG G 18 5.11 -15.26 -8.76
C ARG G 18 4.43 -14.08 -8.06
N ALA G 19 5.10 -12.92 -7.99
CA ALA G 19 4.58 -11.73 -7.30
C ALA G 19 3.74 -10.86 -8.23
N TYR G 20 2.50 -11.24 -8.52
CA TYR G 20 1.58 -10.42 -9.33
C TYR G 20 0.99 -9.38 -8.38
N SER G 21 0.89 -8.10 -8.74
CA SER G 21 0.41 -7.05 -7.81
C SER G 21 -0.19 -5.85 -8.56
N ASP G 22 -1.03 -5.03 -7.90
CA ASP G 22 -1.61 -3.80 -8.48
C ASP G 22 -1.37 -2.66 -7.48
N MET G 23 -0.26 -1.92 -7.57
CA MET G 23 0.14 -0.91 -6.56
C MET G 23 -0.36 0.47 -7.00
N ARG G 24 -1.46 0.54 -7.72
CA ARG G 24 -2.00 1.83 -8.23
C ARG G 24 -2.34 2.73 -7.04
N GLU G 25 -2.22 4.04 -7.16
CA GLU G 25 -2.60 5.00 -6.09
C GLU G 25 -2.03 4.55 -4.75
N ALA G 26 -0.81 4.00 -4.68
CA ALA G 26 -0.24 3.44 -3.43
C ALA G 26 0.98 4.26 -2.98
N ASN G 27 1.52 3.95 -1.80
CA ASN G 27 2.74 4.60 -1.28
C ASN G 27 2.64 6.11 -1.35
N TYR G 28 1.73 6.78 -0.61
CA TYR G 28 1.61 8.27 -0.56
C TYR G 28 2.04 8.85 0.80
N ILE G 29 3.25 9.44 0.93
CA ILE G 29 3.76 10.00 2.23
C ILE G 29 2.89 11.19 2.61
N GLY G 30 2.80 12.18 1.73
CA GLY G 30 1.96 13.37 1.95
C GLY G 30 1.13 13.53 0.70
N SER G 31 -0.18 13.71 0.82
CA SER G 31 -1.04 13.94 -0.35
C SER G 31 -2.38 14.49 0.10
N ASP G 32 -3.10 15.20 -0.75
CA ASP G 32 -4.46 15.66 -0.42
C ASP G 32 -5.30 15.63 -1.68
N LYS G 33 -6.24 14.68 -1.79
CA LYS G 33 -7.16 14.60 -2.95
C LYS G 33 -8.35 15.50 -2.65
N TYR G 34 -8.93 16.14 -3.66
CA TYR G 34 -10.14 16.98 -3.52
C TYR G 34 -10.00 17.82 -2.25
N PHE G 35 -8.82 18.38 -1.99
CA PHE G 35 -8.61 19.25 -0.81
C PHE G 35 -9.31 20.58 -1.11
N HIS G 36 -10.13 21.11 -0.19
CA HIS G 36 -10.83 22.42 -0.37
C HIS G 36 -11.54 22.43 -1.72
N ALA G 37 -12.17 21.32 -2.11
CA ALA G 37 -12.81 21.18 -3.44
C ALA G 37 -14.32 21.28 -3.31
N ARG G 38 -15.01 22.00 -4.18
CA ARG G 38 -16.47 22.23 -4.08
C ARG G 38 -17.17 21.95 -5.42
N GLY G 39 -18.11 21.02 -5.50
CA GLY G 39 -18.91 20.79 -6.73
C GLY G 39 -18.27 19.81 -7.70
N ASN G 40 -17.13 19.19 -7.37
CA ASN G 40 -16.40 18.27 -8.29
C ASN G 40 -17.19 16.97 -8.49
N TYR G 41 -17.51 16.61 -9.73
CA TYR G 41 -18.23 15.35 -10.04
C TYR G 41 -17.19 14.31 -10.39
N ASP G 42 -17.08 13.17 -9.69
CA ASP G 42 -15.97 12.20 -9.89
C ASP G 42 -16.54 10.88 -10.40
N ALA G 43 -16.53 10.61 -11.71
CA ALA G 43 -17.18 9.41 -12.30
C ALA G 43 -16.14 8.55 -13.01
N ALA G 44 -14.86 8.61 -12.65
CA ALA G 44 -13.80 7.87 -13.36
C ALA G 44 -14.21 6.41 -13.37
N LYS G 45 -14.26 5.72 -14.53
CA LYS G 45 -14.57 4.27 -14.60
C LYS G 45 -13.28 3.50 -14.35
N ARG G 46 -12.74 3.56 -13.13
CA ARG G 46 -11.48 2.88 -12.75
C ARG G 46 -11.53 1.44 -13.23
N GLY G 47 -12.71 0.79 -13.28
CA GLY G 47 -12.89 -0.54 -13.90
C GLY G 47 -12.21 -1.63 -13.09
N PRO G 48 -12.10 -2.86 -13.65
CA PRO G 48 -11.43 -3.97 -12.98
C PRO G 48 -10.05 -3.60 -12.43
N GLY G 49 -9.61 -4.28 -11.37
CA GLY G 49 -8.31 -4.03 -10.75
C GLY G 49 -7.88 -5.25 -9.99
N GLY G 50 -6.62 -5.32 -9.58
CA GLY G 50 -6.10 -6.46 -8.80
C GLY G 50 -5.69 -7.57 -9.73
N VAL G 51 -5.30 -8.73 -9.20
CA VAL G 51 -4.79 -9.85 -10.03
C VAL G 51 -5.99 -10.60 -10.61
N TRP G 52 -5.90 -11.12 -11.82
CA TRP G 52 -6.93 -11.97 -12.44
C TRP G 52 -6.17 -13.18 -12.95
N ALA G 53 -5.59 -13.95 -12.04
CA ALA G 53 -4.73 -15.10 -12.40
C ALA G 53 -5.55 -16.28 -12.88
N ALA G 54 -5.06 -16.99 -13.90
CA ALA G 54 -5.68 -18.21 -14.46
C ALA G 54 -4.53 -19.18 -14.69
N GLU G 55 -4.63 -20.44 -14.30
CA GLU G 55 -3.57 -21.44 -14.62
C GLU G 55 -4.22 -22.79 -14.95
N ALA G 56 -4.18 -23.23 -16.21
CA ALA G 56 -4.79 -24.51 -16.63
C ALA G 56 -3.73 -25.50 -17.07
N ILE G 57 -3.51 -26.58 -16.31
CA ILE G 57 -2.55 -27.65 -16.69
C ILE G 57 -3.39 -28.85 -17.10
N SER G 58 -3.51 -29.15 -18.40
CA SER G 58 -4.39 -30.24 -18.89
C SER G 58 -3.74 -31.11 -19.96
N ASP G 59 -3.69 -32.43 -19.76
CA ASP G 59 -3.16 -33.38 -20.78
C ASP G 59 -4.37 -34.02 -21.46
N ALA G 60 -4.35 -34.32 -22.77
CA ALA G 60 -5.54 -34.87 -23.47
C ALA G 60 -5.22 -35.61 -24.76
N ARG G 61 -6.21 -36.26 -25.37
CA ARG G 61 -6.08 -36.85 -26.73
C ARG G 61 -6.51 -35.74 -27.70
N GLU G 62 -7.39 -34.84 -27.28
CA GLU G 62 -7.83 -33.65 -28.07
C GLU G 62 -8.03 -32.55 -27.02
N ASN G 63 -7.68 -31.29 -27.30
CA ASN G 63 -7.74 -30.23 -26.24
C ASN G 63 -8.28 -28.90 -26.79
N ILE G 64 -9.07 -28.18 -25.99
CA ILE G 64 -9.58 -26.83 -26.39
C ILE G 64 -9.55 -25.92 -25.14
N GLN G 65 -8.63 -24.95 -25.08
CA GLN G 65 -8.49 -24.06 -23.90
C GLN G 65 -8.64 -22.60 -24.32
N ARG G 66 -9.48 -21.83 -23.60
CA ARG G 66 -9.70 -20.40 -23.92
C ARG G 66 -9.47 -19.55 -22.66
N PHE G 67 -8.79 -18.41 -22.79
CA PHE G 67 -8.50 -17.52 -21.63
C PHE G 67 -9.02 -16.12 -21.90
N PHE G 68 -9.68 -15.50 -20.91
CA PHE G 68 -10.22 -14.12 -21.05
C PHE G 68 -10.96 -13.99 -22.39
N SER H 1 -4.10 14.49 8.90
CA SER H 1 -3.69 15.91 8.85
C SER H 1 -2.71 16.18 10.01
N PHE H 2 -1.48 15.68 9.92
CA PHE H 2 -0.45 15.83 10.97
C PHE H 2 -0.11 17.31 11.18
N PHE H 3 -0.12 17.82 12.42
CA PHE H 3 0.33 19.20 12.74
C PHE H 3 -0.37 20.22 11.84
N SER H 4 -1.65 20.02 11.52
CA SER H 4 -2.43 20.94 10.65
C SER H 4 -3.10 22.00 11.53
N PHE H 5 -3.58 23.10 10.96
CA PHE H 5 -4.35 24.14 11.69
C PHE H 5 -5.61 24.42 10.87
N LEU H 6 -6.74 24.75 11.50
CA LEU H 6 -7.95 25.14 10.74
C LEU H 6 -8.80 26.08 11.59
N GLY H 7 -9.39 27.13 11.02
CA GLY H 7 -10.34 27.98 11.79
C GLY H 7 -11.26 28.76 10.87
N GLU H 8 -12.33 29.38 11.37
CA GLU H 8 -13.22 30.26 10.55
C GLU H 8 -13.80 31.36 11.46
N ALA H 9 -13.99 32.58 10.93
CA ALA H 9 -14.62 33.71 11.67
C ALA H 9 -13.93 33.90 13.03
N PHE H 10 -12.60 33.95 13.08
CA PHE H 10 -11.82 34.02 14.35
C PHE H 10 -10.80 35.17 14.32
N ASP H 11 -10.69 35.95 15.42
CA ASP H 11 -9.71 37.05 15.54
C ASP H 11 -8.41 36.48 16.11
N GLY H 12 -7.24 36.99 15.71
CA GLY H 12 -5.94 36.42 16.11
C GLY H 12 -5.34 37.15 17.29
N ALA H 13 -4.16 36.72 17.73
CA ALA H 13 -3.43 37.34 18.87
C ALA H 13 -1.96 37.02 18.68
N ARG H 14 -1.05 37.64 19.43
CA ARG H 14 0.39 37.43 19.25
C ARG H 14 0.71 35.95 19.51
N ASP H 15 1.54 35.29 18.70
CA ASP H 15 1.97 33.89 18.95
C ASP H 15 0.74 33.00 19.12
N MET H 16 -0.31 33.24 18.32
CA MET H 16 -1.59 32.47 18.45
C MET H 16 -1.31 30.97 18.27
N TRP H 17 -0.32 30.57 17.46
CA TRP H 17 -0.01 29.15 17.18
C TRP H 17 1.49 28.95 17.04
N ARG H 18 2.02 27.90 17.65
CA ARG H 18 3.47 27.57 17.60
C ARG H 18 3.56 26.06 17.52
N ALA H 19 4.40 25.51 16.65
CA ALA H 19 4.61 24.05 16.56
C ALA H 19 6.11 23.80 16.59
N TYR H 20 6.62 22.81 17.31
CA TYR H 20 8.08 22.57 17.46
C TYR H 20 8.35 21.10 17.19
N SER H 21 7.89 20.55 16.06
CA SER H 21 8.04 19.11 15.76
C SER H 21 9.46 18.77 15.32
N ASP H 22 9.87 17.50 15.47
CA ASP H 22 11.17 17.01 14.95
C ASP H 22 10.83 15.78 14.12
N MET H 23 11.21 15.70 12.85
CA MET H 23 10.86 14.57 11.95
C MET H 23 12.12 13.99 11.30
N ARG H 24 13.25 13.97 12.02
CA ARG H 24 14.47 13.32 11.48
C ARG H 24 14.13 11.85 11.27
N GLU H 25 14.56 11.22 10.16
CA GLU H 25 14.33 9.77 9.93
C GLU H 25 12.84 9.43 10.02
N ALA H 26 11.90 10.25 9.53
CA ALA H 26 10.45 9.97 9.74
C ALA H 26 9.71 9.73 8.42
N ASN H 27 8.45 9.27 8.45
CA ASN H 27 7.57 9.17 7.25
C ASN H 27 8.25 8.26 6.22
N TYR H 28 8.52 7.00 6.56
CA TYR H 28 9.22 5.99 5.70
C TYR H 28 8.31 4.86 5.20
N ILE H 29 7.95 4.77 3.91
CA ILE H 29 6.94 3.79 3.41
C ILE H 29 7.53 2.38 3.26
N GLY H 30 8.68 2.21 2.61
CA GLY H 30 9.29 0.89 2.42
C GLY H 30 10.81 0.93 2.50
N SER H 31 11.39 2.01 3.02
CA SER H 31 12.86 2.18 3.02
C SER H 31 13.52 1.45 4.18
N ASP H 32 14.18 0.33 3.92
CA ASP H 32 14.78 -0.51 4.98
C ASP H 32 16.15 0.05 5.38
N LYS H 33 16.75 -0.45 6.47
CA LYS H 33 18.12 -0.10 6.87
C LYS H 33 18.71 -1.42 7.37
N TYR H 34 19.59 -2.07 6.62
CA TYR H 34 20.09 -3.42 7.00
C TYR H 34 21.50 -3.67 6.51
N PHE H 35 22.16 -4.73 6.97
CA PHE H 35 23.49 -5.11 6.46
C PHE H 35 23.47 -6.64 6.35
N HIS H 36 24.32 -7.25 5.53
CA HIS H 36 24.33 -8.71 5.30
C HIS H 36 25.78 -9.19 5.19
N ALA H 37 26.39 -9.58 6.31
CA ALA H 37 27.81 -9.99 6.37
C ALA H 37 27.85 -11.52 6.30
N ARG H 38 28.06 -12.10 5.11
CA ARG H 38 28.18 -13.57 4.94
C ARG H 38 29.55 -13.95 5.49
N GLY H 39 30.57 -13.12 5.25
CA GLY H 39 31.93 -13.36 5.76
C GLY H 39 31.94 -13.43 7.28
N SER I 1 11.92 -0.74 -0.61
CA SER I 1 12.41 -2.14 -0.69
C SER I 1 11.24 -3.09 -0.97
N PHE I 2 10.30 -2.73 -1.85
CA PHE I 2 9.10 -3.55 -2.14
C PHE I 2 9.53 -4.82 -2.86
N PHE I 3 8.87 -5.96 -2.60
CA PHE I 3 9.13 -7.23 -3.34
C PHE I 3 10.63 -7.53 -3.36
N SER I 4 11.33 -7.38 -2.24
CA SER I 4 12.79 -7.64 -2.15
C SER I 4 13.06 -9.14 -2.27
N PHE I 5 14.22 -9.54 -2.81
CA PHE I 5 14.64 -10.98 -2.89
C PHE I 5 16.12 -11.08 -2.55
N LEU I 6 16.57 -12.17 -1.90
CA LEU I 6 18.00 -12.39 -1.60
C LEU I 6 18.35 -13.86 -1.83
N GLY I 7 19.59 -14.21 -2.17
CA GLY I 7 19.96 -15.62 -2.31
C GLY I 7 21.45 -15.84 -2.48
N GLU I 8 21.89 -17.09 -2.40
CA GLU I 8 23.30 -17.48 -2.64
C GLU I 8 23.21 -18.77 -3.45
N ALA I 9 24.23 -19.12 -4.25
CA ALA I 9 24.28 -20.43 -4.94
C ALA I 9 23.00 -20.74 -5.73
N PHE I 10 22.61 -19.92 -6.70
CA PHE I 10 21.49 -20.24 -7.63
C PHE I 10 22.06 -21.21 -8.66
N ASP I 11 22.53 -22.39 -8.26
CA ASP I 11 23.23 -23.35 -9.15
C ASP I 11 22.06 -24.08 -9.81
N GLY I 12 21.86 -23.90 -11.12
CA GLY I 12 20.79 -24.58 -11.86
C GLY I 12 19.35 -24.10 -11.69
N ALA I 13 19.10 -22.97 -11.01
CA ALA I 13 17.74 -22.40 -10.89
C ALA I 13 17.05 -22.19 -12.27
N ARG I 14 15.71 -22.14 -12.29
CA ARG I 14 14.91 -21.84 -13.50
C ARG I 14 13.64 -21.10 -13.04
N ASP I 15 13.19 -20.06 -13.75
CA ASP I 15 11.89 -19.38 -13.43
C ASP I 15 11.90 -18.94 -11.97
N MET I 16 12.98 -18.36 -11.48
CA MET I 16 13.10 -18.01 -10.03
C MET I 16 12.06 -16.96 -9.63
N TRP I 17 11.73 -15.96 -10.45
CA TRP I 17 10.82 -14.86 -10.05
C TRP I 17 10.02 -14.31 -11.23
N ARG I 18 8.76 -13.93 -11.06
CA ARG I 18 7.90 -13.31 -12.11
C ARG I 18 7.20 -12.13 -11.43
N ALA I 19 7.84 -10.96 -11.37
CA ALA I 19 7.28 -9.76 -10.71
C ALA I 19 6.43 -8.93 -11.66
N TYR I 20 5.20 -9.34 -11.95
CA TYR I 20 4.27 -8.55 -12.79
C TYR I 20 3.66 -7.52 -11.85
N SER I 21 3.53 -6.24 -12.24
CA SER I 21 3.01 -5.19 -11.33
C SER I 21 2.40 -4.01 -12.10
N ASP I 22 1.53 -3.20 -11.46
CA ASP I 22 0.93 -2.00 -12.07
C ASP I 22 1.14 -0.84 -11.08
N MET I 23 2.23 -0.08 -11.18
CA MET I 23 2.60 0.96 -10.17
C MET I 23 2.07 2.32 -10.63
N ARG I 24 0.97 2.35 -11.38
CA ARG I 24 0.42 3.62 -11.91
C ARG I 24 0.04 4.53 -10.74
N GLU I 25 0.15 5.85 -10.88
CA GLU I 25 -0.29 6.82 -9.82
C GLU I 25 0.29 6.39 -8.47
N ALA I 26 1.52 5.87 -8.38
CA ALA I 26 2.09 5.34 -7.11
C ALA I 26 3.29 6.19 -6.67
N ASN I 27 3.82 5.91 -5.48
CA ASN I 27 5.03 6.60 -4.95
C ASN I 27 4.88 8.11 -5.04
N TYR I 28 3.96 8.77 -4.32
CA TYR I 28 3.80 10.26 -4.30
C TYR I 28 4.21 10.86 -2.95
N ILE I 29 5.40 11.49 -2.80
CA ILE I 29 5.89 12.06 -1.51
C ILE I 29 4.99 13.24 -1.16
N GLY I 30 4.88 14.22 -2.05
CA GLY I 30 4.02 15.40 -1.87
C GLY I 30 3.19 15.52 -3.11
N SER I 31 1.89 15.67 -3.01
CA SER I 31 1.03 15.87 -4.19
C SER I 31 -0.33 16.40 -3.76
N ASP I 32 -1.06 17.07 -4.64
CA ASP I 32 -2.42 17.51 -4.32
C ASP I 32 -3.26 17.44 -5.60
N LYS I 33 -4.17 16.47 -5.70
CA LYS I 33 -5.08 16.36 -6.86
C LYS I 33 -6.29 17.23 -6.59
N TYR I 34 -6.88 17.85 -7.62
CA TYR I 34 -8.11 18.66 -7.51
C TYR I 34 -7.99 19.51 -6.24
N PHE I 35 -6.82 20.10 -5.98
CA PHE I 35 -6.65 21.01 -4.81
C PHE I 35 -7.38 22.31 -5.13
N HIS I 36 -8.23 22.84 -4.24
CA HIS I 36 -8.95 24.12 -4.43
C HIS I 36 -9.64 24.10 -5.79
N ALA I 37 -10.24 22.98 -6.18
CA ALA I 37 -10.86 22.79 -7.51
C ALA I 37 -12.38 22.87 -7.40
N ARG I 38 -13.08 23.56 -8.29
CA ARG I 38 -14.55 23.76 -8.20
C ARG I 38 -15.22 23.45 -9.54
N GLY I 39 -16.14 22.49 -9.62
CA GLY I 39 -16.92 22.23 -10.86
C GLY I 39 -16.26 21.24 -11.81
N ASN I 40 -15.10 20.66 -11.46
CA ASN I 40 -14.34 19.74 -12.35
C ASN I 40 -15.10 18.42 -12.55
N TYR I 41 -15.40 18.04 -13.78
CA TYR I 41 -16.08 16.76 -14.08
C TYR I 41 -15.02 15.73 -14.40
N ASP I 42 -14.90 14.61 -13.69
CA ASP I 42 -13.76 13.65 -13.86
C ASP I 42 -14.30 12.32 -14.35
N ALA I 43 -14.27 12.03 -15.67
CA ALA I 43 -14.88 10.81 -16.25
C ALA I 43 -13.82 9.96 -16.93
N ALA I 44 -12.55 10.05 -16.56
CA ALA I 44 -11.46 9.33 -17.24
C ALA I 44 -11.85 7.85 -17.24
N LYS I 45 -11.85 7.15 -18.38
CA LYS I 45 -12.14 5.69 -18.44
C LYS I 45 -10.83 4.96 -18.16
N ARG I 46 -10.31 5.05 -16.94
CA ARG I 46 -9.04 4.40 -16.54
C ARG I 46 -9.06 2.95 -17.00
N GLY I 47 -10.22 2.28 -17.05
CA GLY I 47 -10.36 0.94 -17.65
C GLY I 47 -9.67 -0.13 -16.82
N PRO I 48 -9.52 -1.36 -17.35
CA PRO I 48 -8.83 -2.44 -16.66
C PRO I 48 -7.47 -2.04 -16.10
N GLY I 49 -7.03 -2.69 -15.03
CA GLY I 49 -5.74 -2.40 -14.40
C GLY I 49 -5.28 -3.62 -13.62
N GLY I 50 -4.03 -3.64 -13.19
CA GLY I 50 -3.50 -4.76 -12.40
C GLY I 50 -3.05 -5.88 -13.31
N VAL I 51 -2.64 -7.01 -12.75
CA VAL I 51 -2.10 -8.13 -13.56
C VAL I 51 -3.27 -8.92 -14.14
N TRP I 52 -3.15 -9.46 -15.34
CA TRP I 52 -4.16 -10.34 -15.96
C TRP I 52 -3.37 -11.54 -16.45
N ALA I 53 -2.78 -12.29 -15.52
CA ALA I 53 -1.89 -13.41 -15.85
C ALA I 53 -2.67 -14.62 -16.32
N ALA I 54 -2.16 -15.34 -17.32
CA ALA I 54 -2.76 -16.57 -17.87
C ALA I 54 -1.58 -17.52 -18.07
N GLU I 55 -1.66 -18.79 -17.68
CA GLU I 55 -0.57 -19.77 -17.97
C GLU I 55 -1.19 -21.13 -18.28
N ALA I 56 -1.13 -21.59 -19.53
CA ALA I 56 -1.71 -22.88 -19.94
C ALA I 56 -0.61 -23.86 -20.35
N ILE I 57 -0.38 -24.92 -19.58
CA ILE I 57 0.61 -25.98 -19.93
C ILE I 57 -0.20 -27.21 -20.34
N SER I 58 -0.30 -27.52 -21.63
CA SER I 58 -1.16 -28.64 -22.12
C SER I 58 -0.47 -29.51 -23.16
N ASP I 59 -0.40 -30.83 -22.95
CA ASP I 59 0.16 -31.78 -23.95
C ASP I 59 -1.03 -32.46 -24.63
N ALA I 60 -0.98 -32.78 -25.93
CA ALA I 60 -2.16 -33.36 -26.64
C ALA I 60 -1.81 -34.11 -27.91
N ARG I 61 -2.77 -34.79 -28.52
CA ARG I 61 -2.61 -35.40 -29.87
C ARG I 61 -3.06 -34.32 -30.86
N GLU I 62 -3.97 -33.43 -30.47
CA GLU I 62 -4.42 -32.25 -31.28
C GLU I 62 -4.66 -31.15 -30.25
N ASN I 63 -4.34 -29.89 -30.54
CA ASN I 63 -4.43 -28.81 -29.50
C ASN I 63 -4.99 -27.51 -30.08
N ILE I 64 -5.80 -26.79 -29.28
CA ILE I 64 -6.34 -25.45 -29.71
C ILE I 64 -6.34 -24.53 -28.48
N GLN I 65 -5.44 -23.54 -28.43
CA GLN I 65 -5.34 -22.63 -27.25
C GLN I 65 -5.52 -21.17 -27.69
N ARG I 66 -6.37 -20.42 -26.99
CA ARG I 66 -6.62 -18.99 -27.34
C ARG I 66 -6.43 -18.12 -26.09
N PHE I 67 -5.78 -16.96 -26.23
CA PHE I 67 -5.51 -16.07 -25.09
C PHE I 67 -6.07 -14.66 -25.38
N PHE I 68 -6.74 -14.05 -24.41
CA PHE I 68 -7.32 -12.69 -24.57
C PHE I 68 -8.04 -12.60 -25.92
N SER J 1 -2.15 16.48 5.01
CA SER J 1 -1.76 17.91 4.95
C SER J 1 -0.80 18.22 6.11
N PHE J 2 0.44 17.74 6.04
CA PHE J 2 1.46 17.93 7.11
C PHE J 2 1.77 19.42 7.29
N PHE J 3 1.74 19.95 8.52
CA PHE J 3 2.14 21.34 8.83
C PHE J 3 1.43 22.34 7.91
N SER J 4 0.16 22.10 7.58
CA SER J 4 -0.63 22.99 6.69
C SER J 4 -1.33 24.05 7.55
N PHE J 5 -1.83 25.13 6.95
CA PHE J 5 -2.64 26.17 7.66
C PHE J 5 -3.89 26.40 6.82
N LEU J 6 -5.04 26.72 7.43
CA LEU J 6 -6.25 27.07 6.65
C LEU J 6 -7.12 28.00 7.49
N GLY J 7 -7.74 29.04 6.89
CA GLY J 7 -8.71 29.87 7.64
C GLY J 7 -9.63 30.62 6.70
N GLU J 8 -10.73 31.22 7.18
CA GLU J 8 -11.62 32.07 6.34
C GLU J 8 -12.24 33.17 7.22
N ALA J 9 -12.45 34.38 6.68
CA ALA J 9 -13.11 35.50 7.40
C ALA J 9 -12.44 35.73 8.76
N PHE J 10 -11.11 35.81 8.82
CA PHE J 10 -10.35 35.93 10.10
C PHE J 10 -9.35 37.09 10.06
N ASP J 11 -9.26 37.88 11.15
CA ASP J 11 -8.31 39.01 11.27
C ASP J 11 -7.01 38.47 11.86
N GLY J 12 -5.85 39.00 11.45
CA GLY J 12 -4.54 38.48 11.88
C GLY J 12 -3.97 39.23 13.05
N ALA J 13 -2.78 38.84 13.51
CA ALA J 13 -2.08 39.48 14.65
C ALA J 13 -0.59 39.19 14.48
N ARG J 14 0.29 39.85 15.24
CA ARG J 14 1.74 39.66 15.07
C ARG J 14 2.08 38.19 15.35
N ASP J 15 2.93 37.55 14.56
CA ASP J 15 3.39 36.17 14.84
C ASP J 15 2.18 35.24 15.01
N MET J 16 1.14 35.44 14.20
CA MET J 16 -0.13 34.66 14.32
C MET J 16 0.18 33.16 14.16
N TRP J 17 1.19 32.77 13.37
CA TRP J 17 1.53 31.34 13.11
C TRP J 17 3.04 31.18 12.99
N ARG J 18 3.60 30.15 13.63
CA ARG J 18 5.05 29.85 13.59
C ARG J 18 5.16 28.34 13.54
N ALA J 19 6.02 27.79 12.68
CA ALA J 19 6.28 26.34 12.62
C ALA J 19 7.79 26.13 12.67
N TYR J 20 8.30 25.16 13.41
CA TYR J 20 9.77 24.96 13.58
C TYR J 20 10.07 23.49 13.34
N SER J 21 9.64 22.92 12.21
CA SER J 21 9.82 21.46 11.93
C SER J 21 11.25 21.15 11.51
N ASP J 22 11.68 19.90 11.67
CA ASP J 22 13.00 19.43 11.18
C ASP J 22 12.70 18.17 10.37
N MET J 23 13.10 18.09 9.10
CA MET J 23 12.78 16.94 8.21
C MET J 23 14.07 16.38 7.59
N ARG J 24 15.18 16.39 8.32
CA ARG J 24 16.43 15.77 7.80
C ARG J 24 16.12 14.28 7.61
N GLU J 25 16.57 13.65 6.52
CA GLU J 25 16.37 12.19 6.29
C GLU J 25 14.90 11.82 6.38
N ALA J 26 13.94 12.60 5.87
CA ALA J 26 12.49 12.30 6.07
C ALA J 26 11.77 12.03 4.74
N ASN J 27 10.52 11.54 4.77
CA ASN J 27 9.66 11.40 3.56
C ASN J 27 10.37 10.49 2.55
N TYR J 28 10.66 9.24 2.91
CA TYR J 28 11.40 8.24 2.07
C TYR J 28 10.51 7.08 1.59
N ILE J 29 10.17 6.96 0.30
CA ILE J 29 9.19 5.95 -0.20
C ILE J 29 9.81 4.55 -0.33
N GLY J 30 10.97 4.40 -0.97
CA GLY J 30 11.62 3.09 -1.13
C GLY J 30 13.12 3.17 -1.03
N SER J 31 13.68 4.26 -0.52
CA SER J 31 15.14 4.47 -0.51
C SER J 31 15.80 3.77 0.66
N ASP J 32 16.50 2.66 0.43
CA ASP J 32 17.11 1.85 1.51
C ASP J 32 18.46 2.44 1.91
N LYS J 33 19.06 1.98 3.02
CA LYS J 33 20.42 2.37 3.43
C LYS J 33 21.03 1.06 3.95
N TYR J 34 21.94 0.42 3.22
CA TYR J 34 22.45 -0.91 3.62
C TYR J 34 23.87 -1.14 3.16
N PHE J 35 24.55 -2.17 3.64
CA PHE J 35 25.90 -2.55 3.15
C PHE J 35 25.91 -4.07 3.06
N HIS J 36 26.78 -4.67 2.25
CA HIS J 36 26.83 -6.14 2.05
C HIS J 36 28.29 -6.57 1.96
N ALA J 37 28.90 -6.94 3.10
CA ALA J 37 30.33 -7.32 3.17
C ALA J 37 30.40 -8.85 3.12
N ARG J 38 30.64 -9.44 1.94
CA ARG J 38 30.78 -10.91 1.79
C ARG J 38 32.17 -11.25 2.37
N GLY J 39 33.16 -10.40 2.12
CA GLY J 39 34.52 -10.61 2.65
C GLY J 39 34.52 -10.65 4.17
N SER K 1 14.30 1.48 -4.12
CA SER K 1 14.83 0.09 -4.16
C SER K 1 13.69 -0.90 -4.44
N PHE K 2 12.75 -0.56 -5.33
CA PHE K 2 11.56 -1.41 -5.62
C PHE K 2 12.03 -2.69 -6.33
N PHE K 3 11.40 -3.83 -6.05
CA PHE K 3 11.69 -5.11 -6.77
C PHE K 3 13.19 -5.38 -6.77
N SER K 4 13.88 -5.21 -5.64
CA SER K 4 15.35 -5.42 -5.53
C SER K 4 15.65 -6.92 -5.63
N PHE K 5 16.83 -7.31 -6.15
CA PHE K 5 17.28 -8.73 -6.21
C PHE K 5 18.76 -8.79 -5.85
N LEU K 6 19.22 -9.86 -5.18
CA LEU K 6 20.65 -10.05 -4.86
C LEU K 6 21.03 -11.52 -5.07
N GLY K 7 22.29 -11.84 -5.38
CA GLY K 7 22.70 -13.24 -5.50
C GLY K 7 24.19 -13.43 -5.65
N GLU K 8 24.65 -14.67 -5.55
CA GLU K 8 26.08 -15.04 -5.77
C GLU K 8 26.02 -16.34 -6.57
N ALA K 9 27.05 -16.68 -7.35
CA ALA K 9 27.14 -18.00 -8.02
C ALA K 9 25.88 -18.35 -8.81
N PHE K 10 25.48 -17.54 -9.81
CA PHE K 10 24.38 -17.90 -10.74
C PHE K 10 24.99 -18.87 -11.75
N ASP K 11 25.47 -20.05 -11.32
CA ASP K 11 26.21 -20.99 -12.19
C ASP K 11 25.06 -21.77 -12.85
N GLY K 12 24.86 -21.60 -14.17
CA GLY K 12 23.82 -22.32 -14.91
C GLY K 12 22.36 -21.87 -14.77
N ALA K 13 22.09 -20.74 -14.11
CA ALA K 13 20.71 -20.21 -14.01
C ALA K 13 20.04 -20.02 -15.39
N ARG K 14 18.70 -20.00 -15.43
CA ARG K 14 17.90 -19.74 -16.65
C ARG K 14 16.61 -19.02 -16.22
N ASP K 15 16.14 -18.00 -16.94
CA ASP K 15 14.82 -17.34 -16.65
C ASP K 15 14.80 -16.89 -15.20
N MET K 16 15.87 -16.28 -14.70
CA MET K 16 15.97 -15.90 -13.27
C MET K 16 14.90 -14.86 -12.88
N TRP K 17 14.56 -13.89 -13.72
CA TRP K 17 13.61 -12.79 -13.35
C TRP K 17 12.82 -12.28 -14.55
N ARG K 18 11.54 -11.93 -14.39
CA ARG K 18 10.69 -11.34 -15.46
C ARG K 18 9.95 -10.17 -14.80
N ALA K 19 10.57 -8.99 -14.76
CA ALA K 19 9.97 -7.79 -14.12
C ALA K 19 9.12 -7.00 -15.09
N TYR K 20 7.91 -7.44 -15.39
CA TYR K 20 6.97 -6.69 -16.25
C TYR K 20 6.31 -5.65 -15.33
N SER K 21 6.17 -4.38 -15.74
CA SER K 21 5.61 -3.32 -14.85
C SER K 21 4.99 -2.18 -15.65
N ASP K 22 4.09 -1.37 -15.03
CA ASP K 22 3.47 -0.18 -15.66
C ASP K 22 3.64 0.99 -14.69
N MET K 23 4.72 1.76 -14.78
CA MET K 23 5.05 2.83 -13.79
C MET K 23 4.50 4.17 -14.27
N ARG K 24 3.41 4.17 -15.03
CA ARG K 24 2.83 5.42 -15.58
C ARG K 24 2.43 6.33 -14.43
N GLU K 25 2.50 7.65 -14.58
CA GLU K 25 2.04 8.62 -13.55
C GLU K 25 2.60 8.23 -12.19
N ALA K 26 3.85 7.74 -12.07
CA ALA K 26 4.42 7.25 -10.79
C ALA K 26 5.59 8.13 -10.35
N ASN K 27 6.12 7.89 -9.15
CA ASN K 27 7.31 8.60 -8.62
C ASN K 27 7.12 10.11 -8.74
N TYR K 28 6.18 10.75 -8.04
CA TYR K 28 5.99 12.23 -8.04
C TYR K 28 6.37 12.87 -6.69
N ILE K 29 7.54 13.52 -6.55
CA ILE K 29 8.00 14.13 -5.26
C ILE K 29 7.08 15.29 -4.93
N GLY K 30 6.96 16.25 -5.84
CA GLY K 30 6.07 17.42 -5.68
C GLY K 30 5.25 17.51 -6.94
N SER K 31 3.94 17.62 -6.85
CA SER K 31 3.09 17.79 -8.05
C SER K 31 1.72 18.28 -7.64
N ASP K 32 0.99 18.94 -8.53
CA ASP K 32 -0.40 19.35 -8.24
C ASP K 32 -1.22 19.24 -9.52
N LYS K 33 -2.10 18.25 -9.61
CA LYS K 33 -2.99 18.10 -10.78
C LYS K 33 -4.23 18.95 -10.54
N TYR K 34 -4.81 19.54 -11.58
CA TYR K 34 -6.07 20.32 -11.49
C TYR K 34 -5.99 21.20 -10.24
N PHE K 35 -4.83 21.82 -9.97
CA PHE K 35 -4.70 22.74 -8.82
C PHE K 35 -5.44 24.03 -9.16
N HIS K 36 -6.32 24.55 -8.29
CA HIS K 36 -7.06 25.82 -8.51
C HIS K 36 -7.74 25.76 -9.88
N ALA K 37 -8.32 24.61 -10.25
CA ALA K 37 -8.91 24.40 -11.59
C ALA K 37 -10.43 24.45 -11.48
N ARG K 38 -11.14 25.10 -12.40
CA ARG K 38 -12.61 25.27 -12.33
C ARG K 38 -13.26 24.92 -13.67
N GLY K 39 -14.16 23.94 -13.75
CA GLY K 39 -14.92 23.64 -14.98
C GLY K 39 -14.22 22.66 -15.92
N ASN K 40 -13.06 22.12 -15.54
CA ASN K 40 -12.27 21.20 -16.42
C ASN K 40 -12.99 19.86 -16.59
N TYR K 41 -13.28 19.45 -17.83
CA TYR K 41 -13.93 18.16 -18.11
C TYR K 41 -12.84 17.14 -18.42
N ASP K 42 -12.70 16.03 -17.69
CA ASP K 42 -11.53 15.10 -17.82
C ASP K 42 -12.05 13.75 -18.31
N ALA K 43 -12.00 13.44 -19.62
CA ALA K 43 -12.58 12.20 -20.18
C ALA K 43 -11.48 11.36 -20.84
N ALA K 44 -10.23 11.49 -20.46
CA ALA K 44 -9.11 10.78 -21.12
C ALA K 44 -9.46 9.30 -21.10
N LYS K 45 -9.44 8.58 -22.23
CA LYS K 45 -9.70 7.12 -22.28
C LYS K 45 -8.38 6.41 -21.97
N ARG K 46 -7.87 6.54 -20.74
CA ARG K 46 -6.58 5.92 -20.32
C ARG K 46 -6.57 4.46 -20.76
N GLY K 47 -7.72 3.76 -20.81
CA GLY K 47 -7.83 2.41 -21.39
C GLY K 47 -7.11 1.37 -20.54
N PRO K 48 -6.94 0.13 -21.06
CA PRO K 48 -6.23 -0.92 -20.35
C PRO K 48 -4.89 -0.47 -19.78
N GLY K 49 -4.44 -1.10 -18.69
CA GLY K 49 -3.16 -0.77 -18.05
C GLY K 49 -2.69 -1.97 -17.25
N GLY K 50 -1.43 -1.96 -16.80
CA GLY K 50 -0.89 -3.06 -15.99
C GLY K 50 -0.41 -4.18 -16.88
N VAL K 51 0.02 -5.30 -16.30
CA VAL K 51 0.59 -6.41 -17.09
C VAL K 51 -0.56 -7.23 -17.67
N TRP K 52 -0.41 -7.79 -18.86
CA TRP K 52 -1.40 -8.70 -19.48
C TRP K 52 -0.57 -9.89 -19.93
N ALA K 53 0.02 -10.61 -19.00
CA ALA K 53 0.94 -11.73 -19.31
C ALA K 53 0.19 -12.96 -19.76
N ALA K 54 0.73 -13.68 -20.75
CA ALA K 54 0.17 -14.94 -21.28
C ALA K 54 1.37 -15.86 -21.46
N GLU K 55 1.31 -17.12 -21.04
CA GLU K 55 2.42 -18.08 -21.31
C GLU K 55 1.84 -19.45 -21.60
N ALA K 56 1.92 -19.92 -22.85
CA ALA K 56 1.37 -21.24 -23.25
C ALA K 56 2.50 -22.20 -23.63
N ILE K 57 2.74 -23.25 -22.84
CA ILE K 57 3.76 -24.28 -23.17
C ILE K 57 2.98 -25.54 -23.56
N SER K 58 2.91 -25.88 -24.85
CA SER K 58 2.07 -27.01 -25.33
C SER K 58 2.79 -27.89 -26.36
N ASP K 59 2.88 -29.20 -26.13
CA ASP K 59 3.48 -30.15 -27.10
C ASP K 59 2.31 -30.86 -27.78
N ALA K 60 2.38 -31.20 -29.08
CA ALA K 60 1.23 -31.83 -29.79
C ALA K 60 1.61 -32.58 -31.05
N ARG K 61 0.66 -33.30 -31.66
CA ARG K 61 0.85 -33.92 -33.00
C ARG K 61 0.39 -32.86 -34.01
N GLU K 62 -0.55 -31.98 -33.64
CA GLU K 62 -1.01 -30.83 -34.47
C GLU K 62 -1.28 -29.72 -33.45
N ASN K 63 -0.99 -28.45 -33.76
CA ASN K 63 -1.11 -27.37 -32.75
C ASN K 63 -1.70 -26.08 -33.34
N ILE K 64 -2.54 -25.36 -32.57
CA ILE K 64 -3.09 -24.05 -33.02
C ILE K 64 -3.13 -23.12 -31.81
N GLN K 65 -2.26 -22.11 -31.77
CA GLN K 65 -2.19 -21.17 -30.60
C GLN K 65 -2.38 -19.73 -31.06
N ARG K 66 -3.27 -18.98 -30.39
CA ARG K 66 -3.55 -17.56 -30.75
C ARG K 66 -3.39 -16.68 -29.51
N PHE K 67 -2.76 -15.51 -29.67
CA PHE K 67 -2.53 -14.58 -28.53
C PHE K 67 -3.11 -13.20 -28.85
N PHE K 68 -3.81 -12.59 -27.89
CA PHE K 68 -4.41 -11.24 -28.09
C PHE K 68 -5.12 -11.19 -29.45
N SER L 1 -0.19 18.46 1.12
CA SER L 1 0.17 19.90 1.04
C SER L 1 1.10 20.25 2.20
N PHE L 2 2.36 19.80 2.16
CA PHE L 2 3.36 20.03 3.23
C PHE L 2 3.63 21.52 3.40
N PHE L 3 3.58 22.07 4.62
CA PHE L 3 3.95 23.47 4.91
C PHE L 3 3.22 24.44 3.96
N SER L 4 1.96 24.17 3.63
CA SER L 4 1.16 25.03 2.72
C SER L 4 0.43 26.09 3.55
N PHE L 5 -0.09 27.15 2.93
CA PHE L 5 -0.92 28.17 3.62
C PHE L 5 -2.17 28.36 2.76
N LEU L 6 -3.33 28.67 3.36
CA LEU L 6 -4.54 28.98 2.56
C LEU L 6 -5.44 29.90 3.37
N GLY L 7 -6.07 30.92 2.76
CA GLY L 7 -7.08 31.74 3.48
C GLY L 7 -8.00 32.45 2.52
N GLU L 8 -9.11 33.03 2.98
CA GLU L 8 -10.02 33.86 2.12
C GLU L 8 -10.67 34.95 2.98
N ALA L 9 -10.91 36.15 2.41
CA ALA L 9 -11.60 37.27 3.11
C ALA L 9 -10.95 37.53 4.47
N PHE L 10 -9.61 37.64 4.55
CA PHE L 10 -8.88 37.79 5.83
C PHE L 10 -7.91 38.97 5.79
N ASP L 11 -7.84 39.78 6.86
CA ASP L 11 -6.91 40.94 6.98
C ASP L 11 -5.60 40.44 7.59
N GLY L 12 -4.46 40.98 7.19
CA GLY L 12 -3.14 40.50 7.64
C GLY L 12 -2.60 41.28 8.80
N ALA L 13 -1.41 40.92 9.28
CA ALA L 13 -0.74 41.59 10.41
C ALA L 13 0.76 41.33 10.27
N ARG L 14 1.62 42.03 11.02
CA ARG L 14 3.08 41.86 10.87
C ARG L 14 3.45 40.41 11.18
N ASP L 15 4.33 39.77 10.41
CA ASP L 15 4.82 38.40 10.71
C ASP L 15 3.61 37.46 10.88
N MET L 16 2.58 37.62 10.06
CA MET L 16 1.33 36.81 10.18
C MET L 16 1.67 35.32 10.04
N TRP L 17 2.69 34.94 9.27
CA TRP L 17 3.07 33.52 9.03
C TRP L 17 4.58 33.38 8.93
N ARG L 18 5.16 32.38 9.59
CA ARG L 18 6.61 32.12 9.57
C ARG L 18 6.77 30.60 9.54
N ALA L 19 7.65 30.07 8.71
CA ALA L 19 7.93 28.61 8.66
C ALA L 19 9.44 28.43 8.73
N TYR L 20 9.98 27.48 9.49
CA TYR L 20 11.44 27.32 9.67
C TYR L 20 11.78 25.85 9.46
N SER L 21 11.38 25.25 8.33
CA SER L 21 11.59 23.81 8.08
C SER L 21 13.03 23.52 7.68
N ASP L 22 13.49 22.28 7.87
CA ASP L 22 14.83 21.84 7.40
C ASP L 22 14.56 20.57 6.60
N MET L 23 14.97 20.47 5.33
CA MET L 23 14.69 19.29 4.46
C MET L 23 15.99 18.77 3.87
N ARG L 24 17.10 18.80 4.60
CA ARG L 24 18.36 18.20 4.10
C ARG L 24 18.09 16.71 3.93
N GLU L 25 18.57 16.07 2.86
CA GLU L 25 18.40 14.60 2.65
C GLU L 25 16.93 14.20 2.73
N ALA L 26 15.96 14.95 2.19
CA ALA L 26 14.52 14.62 2.38
C ALA L 26 13.82 14.31 1.05
N ASN L 27 12.59 13.80 1.08
CA ASN L 27 11.74 13.62 -0.14
C ASN L 27 12.48 12.72 -1.12
N TYR L 28 12.80 11.48 -0.74
CA TYR L 28 13.56 10.47 -1.56
C TYR L 28 12.70 9.29 -2.04
N ILE L 29 12.38 9.16 -3.33
CA ILE L 29 11.43 8.11 -3.82
C ILE L 29 12.08 6.72 -3.92
N GLY L 30 13.25 6.60 -4.54
CA GLY L 30 13.93 5.29 -4.68
C GLY L 30 15.43 5.40 -4.57
N SER L 31 15.97 6.51 -4.07
CA SER L 31 17.42 6.75 -4.05
C SER L 31 18.08 6.09 -2.86
N ASP L 32 18.80 4.99 -3.07
CA ASP L 32 19.41 4.21 -1.97
C ASP L 32 20.75 4.84 -1.56
N LYS L 33 21.34 4.41 -0.45
CA LYS L 33 22.70 4.82 -0.03
C LYS L 33 23.33 3.56 0.52
N TYR L 34 24.25 2.91 -0.20
CA TYR L 34 24.79 1.60 0.23
C TYR L 34 26.23 1.39 -0.22
N PHE L 35 26.93 0.39 0.29
CA PHE L 35 28.28 0.04 -0.18
C PHE L 35 28.33 -1.48 -0.24
N HIS L 36 29.22 -2.07 -1.04
CA HIS L 36 29.31 -3.55 -1.22
C HIS L 36 30.78 -3.96 -1.29
N ALA L 37 31.38 -4.29 -0.14
CA ALA L 37 32.82 -4.64 -0.05
C ALA L 37 32.92 -6.16 -0.07
N ARG L 38 33.19 -6.77 -1.23
CA ARG L 38 33.37 -8.24 -1.37
C ARG L 38 34.74 -8.54 -0.77
N GLY L 39 35.73 -7.67 -1.01
CA GLY L 39 37.09 -7.84 -0.47
C GLY L 39 37.08 -7.87 1.05
#